data_4J44
#
_entry.id   4J44
#
_cell.length_a   74.889
_cell.length_b   74.889
_cell.length_c   109.022
_cell.angle_alpha   90.00
_cell.angle_beta   90.00
_cell.angle_gamma   90.00
#
_symmetry.space_group_name_H-M   'I 4 2 2'
#
loop_
_entity.id
_entity.type
_entity.pdbx_description
1 polymer 'E3 ubiquitin-protein ligase XIAP'
2 polymer 'PEPTIDE (ALA-ILE-ALA-VAL)'
3 non-polymer 'ZINC ION'
4 water water
#
loop_
_entity_poly.entity_id
_entity_poly.type
_entity_poly.pdbx_seq_one_letter_code
_entity_poly.pdbx_strand_id
1 'polypeptide(L)'
;GTIYPRNPAMYSEEARLKSFQNWPDYAHLTPRELASAGLYYTGIGDQVQCFACGGKLKNWEPGDRAWSEHRRHFPNCFFV
LGRNLN
;
A,C
2 'polypeptide(L)' AIAV B
#
loop_
_chem_comp.id
_chem_comp.type
_chem_comp.name
_chem_comp.formula
ZN non-polymer 'ZINC ION' 'Zn 2'
#
# COMPACT_ATOMS: atom_id res chain seq x y z
N GLY A 1 4.89 5.65 -12.86
CA GLY A 1 4.63 6.22 -11.51
C GLY A 1 5.44 5.57 -10.39
N THR A 2 5.35 6.14 -9.22
CA THR A 2 6.19 5.69 -8.11
C THR A 2 5.53 4.60 -7.27
N ILE A 3 4.25 4.32 -7.51
CA ILE A 3 3.52 3.16 -6.95
C ILE A 3 2.97 2.38 -8.12
N TYR A 4 2.61 1.13 -7.91
CA TYR A 4 2.10 0.33 -9.00
C TYR A 4 1.22 -0.77 -8.37
N PRO A 5 -0.02 -0.96 -8.85
CA PRO A 5 -0.92 -1.97 -8.29
C PRO A 5 -0.42 -3.36 -8.60
N ARG A 6 -0.49 -4.26 -7.63
CA ARG A 6 -0.26 -5.66 -7.89
C ARG A 6 -1.15 -6.24 -8.96
N ASN A 7 -2.41 -5.78 -9.10
CA ASN A 7 -3.33 -6.26 -10.20
C ASN A 7 -4.08 -5.13 -10.90
N PRO A 8 -3.49 -4.57 -11.98
CA PRO A 8 -4.01 -3.43 -12.72
C PRO A 8 -5.44 -3.63 -13.25
N ALA A 9 -5.77 -4.81 -13.68
CA ALA A 9 -7.12 -5.08 -14.20
C ALA A 9 -8.17 -4.90 -13.09
N MET A 10 -7.77 -5.27 -11.86
CA MET A 10 -8.67 -5.16 -10.71
C MET A 10 -8.67 -3.82 -10.13
N TYR A 11 -8.02 -2.93 -10.91
CA TYR A 11 -8.06 -1.54 -10.65
C TYR A 11 -9.48 -1.00 -10.55
N SER A 12 -10.36 -1.54 -11.41
CA SER A 12 -11.74 -1.17 -11.55
C SER A 12 -12.56 -1.87 -10.44
N GLU A 13 -13.38 -1.10 -9.74
CA GLU A 13 -14.27 -1.65 -8.71
C GLU A 13 -15.30 -2.59 -9.34
N GLU A 14 -15.77 -2.28 -10.53
CA GLU A 14 -16.70 -3.15 -11.21
C GLU A 14 -16.04 -4.49 -11.56
N ALA A 15 -14.79 -4.48 -11.98
CA ALA A 15 -14.08 -5.73 -12.24
C ALA A 15 -13.92 -6.54 -10.96
N ARG A 16 -13.65 -5.87 -9.83
CA ARG A 16 -13.55 -6.56 -8.53
C ARG A 16 -14.90 -7.16 -8.18
N LEU A 17 -15.99 -6.45 -8.36
CA LEU A 17 -17.29 -6.92 -8.01
C LEU A 17 -17.62 -8.17 -8.80
N LYS A 18 -17.37 -8.18 -10.10
CA LYS A 18 -17.61 -9.36 -10.92
C LYS A 18 -16.88 -10.61 -10.46
N SER A 19 -15.71 -10.42 -9.85
CA SER A 19 -14.92 -11.56 -9.37
C SER A 19 -15.64 -12.39 -8.32
N PHE A 20 -16.69 -11.85 -7.70
CA PHE A 20 -17.42 -12.55 -6.66
C PHE A 20 -18.59 -13.40 -7.15
N GLN A 21 -18.64 -13.63 -8.46
CA GLN A 21 -19.67 -14.47 -9.03
C GLN A 21 -19.89 -15.78 -8.28
N ASN A 22 -18.81 -16.42 -7.88
CA ASN A 22 -18.89 -17.73 -7.22
C ASN A 22 -18.40 -17.64 -5.78
N TRP A 23 -18.47 -16.47 -5.16
CA TRP A 23 -18.24 -16.29 -3.73
C TRP A 23 -19.09 -17.29 -2.95
N PRO A 24 -18.53 -17.98 -1.94
CA PRO A 24 -19.31 -19.08 -1.35
C PRO A 24 -20.47 -18.60 -0.52
N ASP A 25 -21.45 -19.48 -0.39
CA ASP A 25 -22.67 -19.13 0.31
C ASP A 25 -22.47 -18.98 1.81
N TYR A 26 -21.41 -19.53 2.39
CA TYR A 26 -21.15 -19.35 3.82
C TYR A 26 -20.38 -18.05 4.12
N ALA A 27 -19.89 -17.36 3.09
CA ALA A 27 -19.01 -16.22 3.31
C ALA A 27 -19.89 -15.02 3.57
N HIS A 28 -19.88 -14.47 4.77
CA HIS A 28 -20.90 -13.53 5.16
C HIS A 28 -20.72 -12.10 4.66
N LEU A 29 -19.49 -11.67 4.39
N LEU A 29 -19.49 -11.68 4.38
CA LEU A 29 -19.29 -10.31 3.89
CA LEU A 29 -19.29 -10.33 3.88
C LEU A 29 -19.80 -10.23 2.47
C LEU A 29 -19.80 -10.23 2.46
N THR A 30 -20.33 -9.07 2.13
CA THR A 30 -20.85 -8.84 0.78
C THR A 30 -19.75 -8.49 -0.21
N PRO A 31 -19.90 -8.97 -1.45
CA PRO A 31 -19.06 -8.49 -2.55
C PRO A 31 -18.99 -6.97 -2.63
N ARG A 32 -20.10 -6.29 -2.39
CA ARG A 32 -20.10 -4.84 -2.42
C ARG A 32 -19.11 -4.25 -1.45
N GLU A 33 -19.15 -4.70 -0.20
CA GLU A 33 -18.26 -4.15 0.82
C GLU A 33 -16.80 -4.50 0.49
N LEU A 34 -16.56 -5.75 0.08
CA LEU A 34 -15.20 -6.22 -0.17
C LEU A 34 -14.55 -5.45 -1.34
N ALA A 35 -15.29 -5.36 -2.46
CA ALA A 35 -14.82 -4.65 -3.66
C ALA A 35 -14.55 -3.18 -3.37
N SER A 36 -15.39 -2.58 -2.57
CA SER A 36 -15.18 -1.16 -2.19
C SER A 36 -13.87 -0.95 -1.45
N ALA A 37 -13.46 -1.94 -0.65
CA ALA A 37 -12.20 -1.93 0.13
C ALA A 37 -11.01 -2.36 -0.69
N GLY A 38 -11.15 -2.48 -2.01
CA GLY A 38 -10.06 -2.82 -2.87
C GLY A 38 -9.85 -4.29 -3.15
N LEU A 39 -10.75 -5.13 -2.62
CA LEU A 39 -10.53 -6.56 -2.57
C LEU A 39 -11.33 -7.30 -3.65
N TYR A 40 -10.72 -8.33 -4.23
CA TYR A 40 -11.38 -9.16 -5.20
C TYR A 40 -11.20 -10.64 -4.83
N TYR A 41 -12.05 -11.47 -5.39
CA TYR A 41 -12.04 -12.87 -5.00
C TYR A 41 -10.99 -13.64 -5.76
N THR A 42 -10.21 -14.44 -5.05
CA THR A 42 -9.15 -15.27 -5.65
C THR A 42 -9.69 -16.58 -6.21
N GLY A 43 -10.95 -16.91 -5.93
CA GLY A 43 -11.55 -18.17 -6.37
C GLY A 43 -11.31 -19.34 -5.45
N ILE A 44 -10.67 -19.12 -4.31
CA ILE A 44 -10.31 -20.18 -3.37
C ILE A 44 -10.93 -19.84 -2.03
N GLY A 45 -11.76 -20.73 -1.49
CA GLY A 45 -12.34 -20.52 -0.16
C GLY A 45 -13.02 -19.15 -0.03
N ASP A 46 -12.79 -18.46 1.05
CA ASP A 46 -13.22 -17.09 1.21
C ASP A 46 -12.04 -16.12 1.11
N GLN A 47 -11.04 -16.49 0.31
CA GLN A 47 -9.78 -15.75 0.24
C GLN A 47 -9.93 -14.64 -0.83
N VAL A 48 -9.64 -13.40 -0.41
CA VAL A 48 -9.68 -12.23 -1.29
C VAL A 48 -8.29 -11.63 -1.31
N GLN A 49 -8.07 -10.78 -2.30
CA GLN A 49 -6.79 -10.09 -2.50
C GLN A 49 -7.01 -8.63 -2.85
N CYS A 50 -6.10 -7.78 -2.37
CA CYS A 50 -6.12 -6.36 -2.74
C CYS A 50 -5.43 -6.11 -4.09
N PHE A 51 -6.12 -5.38 -4.98
CA PHE A 51 -5.54 -5.06 -6.27
C PHE A 51 -4.31 -4.15 -6.15
N ALA A 52 -4.21 -3.38 -5.07
CA ALA A 52 -3.18 -2.37 -4.88
C ALA A 52 -1.95 -2.99 -4.23
N CYS A 53 -2.07 -3.45 -2.98
CA CYS A 53 -0.91 -3.93 -2.22
C CYS A 53 -0.63 -5.42 -2.46
N GLY A 54 -1.60 -6.14 -3.01
CA GLY A 54 -1.49 -7.57 -3.19
C GLY A 54 -1.72 -8.41 -1.95
N GLY A 55 -2.03 -7.81 -0.82
CA GLY A 55 -2.32 -8.60 0.38
C GLY A 55 -3.55 -9.45 0.20
N LYS A 56 -3.50 -10.61 0.87
CA LYS A 56 -4.55 -11.62 0.82
C LYS A 56 -5.10 -11.86 2.22
N LEU A 57 -6.43 -11.99 2.30
CA LEU A 57 -7.15 -12.19 3.54
C LEU A 57 -8.09 -13.35 3.39
N LYS A 58 -8.17 -14.17 4.43
CA LYS A 58 -9.12 -15.29 4.45
C LYS A 58 -9.61 -15.54 5.87
N ASN A 59 -10.57 -16.49 5.96
CA ASN A 59 -11.13 -16.87 7.28
C ASN A 59 -11.73 -15.70 8.01
N TRP A 60 -12.62 -15.04 7.28
CA TRP A 60 -13.37 -13.93 7.83
C TRP A 60 -14.22 -14.36 9.02
N GLU A 61 -14.30 -13.50 10.02
CA GLU A 61 -15.01 -13.79 11.28
C GLU A 61 -16.19 -12.84 11.42
N PRO A 62 -17.24 -13.25 12.16
CA PRO A 62 -18.35 -12.30 12.43
C PRO A 62 -17.83 -11.04 13.13
N GLY A 63 -18.28 -9.88 12.67
CA GLY A 63 -17.81 -8.64 13.22
C GLY A 63 -16.71 -7.99 12.39
N ASP A 64 -16.03 -8.78 11.54
CA ASP A 64 -14.98 -8.23 10.67
C ASP A 64 -15.64 -7.27 9.67
N ARG A 65 -14.94 -6.20 9.43
CA ARG A 65 -15.26 -5.30 8.32
C ARG A 65 -14.12 -5.33 7.29
N ALA A 66 -14.44 -5.19 6.01
CA ALA A 66 -13.42 -5.28 4.99
C ALA A 66 -12.34 -4.22 5.15
N TRP A 67 -12.72 -2.95 5.33
CA TRP A 67 -11.70 -1.92 5.45
C TRP A 67 -10.84 -2.07 6.69
N SER A 68 -11.45 -2.37 7.83
N SER A 68 -11.48 -2.40 7.81
CA SER A 68 -10.64 -2.46 9.05
CA SER A 68 -10.77 -2.54 9.06
C SER A 68 -9.68 -3.66 9.01
C SER A 68 -9.72 -3.65 9.01
N GLU A 69 -10.12 -4.80 8.47
CA GLU A 69 -9.17 -5.91 8.29
C GLU A 69 -8.08 -5.57 7.28
N HIS A 70 -8.43 -4.90 6.18
CA HIS A 70 -7.41 -4.48 5.20
C HIS A 70 -6.39 -3.55 5.85
N ARG A 71 -6.84 -2.56 6.59
CA ARG A 71 -5.92 -1.61 7.21
C ARG A 71 -5.14 -2.25 8.35
N ARG A 72 -5.74 -3.14 9.12
CA ARG A 72 -5.02 -3.79 10.23
C ARG A 72 -3.86 -4.63 9.75
N HIS A 73 -4.07 -5.38 8.66
CA HIS A 73 -3.05 -6.30 8.17
C HIS A 73 -2.08 -5.64 7.22
N PHE A 74 -2.56 -4.67 6.43
CA PHE A 74 -1.73 -4.06 5.37
C PHE A 74 -1.80 -2.54 5.47
N PRO A 75 -1.29 -1.98 6.59
CA PRO A 75 -1.50 -0.55 6.82
C PRO A 75 -0.78 0.38 5.88
N ASN A 76 0.22 -0.13 5.18
CA ASN A 76 1.04 0.67 4.28
C ASN A 76 0.56 0.55 2.82
N CYS A 77 -0.61 -0.04 2.58
CA CYS A 77 -1.15 -0.14 1.25
C CYS A 77 -1.54 1.25 0.74
N PHE A 78 -1.25 1.51 -0.53
CA PHE A 78 -1.58 2.83 -1.05
C PHE A 78 -3.07 3.05 -1.16
N PHE A 79 -3.85 1.98 -1.34
CA PHE A 79 -5.30 2.15 -1.37
C PHE A 79 -5.85 2.49 0.03
N VAL A 80 -5.34 1.82 1.05
CA VAL A 80 -5.68 2.12 2.42
C VAL A 80 -5.30 3.56 2.72
N LEU A 81 -4.10 3.99 2.33
CA LEU A 81 -3.58 5.31 2.69
C LEU A 81 -4.11 6.44 1.80
N GLY A 82 -4.85 6.11 0.74
CA GLY A 82 -5.37 7.06 -0.23
C GLY A 82 -6.84 7.28 0.02
N ARG A 83 -7.43 6.50 0.94
CA ARG A 83 -8.86 6.45 1.21
C ARG A 83 -9.39 7.80 1.68
N ALA B 1 -10.14 -11.60 10.24
CA ALA B 1 -9.59 -12.37 9.11
C ALA B 1 -8.09 -12.57 9.36
N ILE B 2 -7.48 -13.49 8.62
CA ILE B 2 -6.04 -13.67 8.71
C ILE B 2 -5.40 -13.38 7.36
N ALA B 3 -4.15 -12.90 7.44
CA ALA B 3 -3.35 -12.67 6.24
C ALA B 3 -2.75 -13.93 5.77
N VAL B 4 -2.68 -14.11 4.46
CA VAL B 4 -2.12 -15.32 3.84
C VAL B 4 -0.66 -15.02 3.52
N ALA C 9 13.97 4.03 15.40
CA ALA C 9 15.25 3.70 14.69
C ALA C 9 15.38 4.47 13.38
N MET C 10 14.35 4.40 12.55
CA MET C 10 14.27 5.24 11.36
C MET C 10 13.52 6.54 11.66
N TYR C 11 13.24 6.83 12.95
CA TYR C 11 12.68 8.15 13.33
C TYR C 11 13.62 9.32 13.12
N SER C 12 14.90 9.06 13.31
CA SER C 12 15.94 10.06 13.09
C SER C 12 16.22 10.24 11.62
N GLU C 13 16.17 11.49 11.15
CA GLU C 13 16.56 11.84 9.80
C GLU C 13 17.99 11.37 9.52
N GLU C 14 18.87 11.48 10.51
CA GLU C 14 20.26 11.04 10.34
C GLU C 14 20.34 9.52 10.08
N ALA C 15 19.50 8.74 10.73
CA ALA C 15 19.50 7.29 10.57
C ALA C 15 18.92 6.89 9.19
N ARG C 16 17.97 7.69 8.72
CA ARG C 16 17.38 7.43 7.39
C ARG C 16 18.47 7.71 6.35
N LEU C 17 19.29 8.74 6.59
CA LEU C 17 20.43 9.03 5.68
C LEU C 17 21.40 7.87 5.57
N LYS C 18 21.72 7.25 6.69
CA LYS C 18 22.64 6.11 6.71
C LYS C 18 22.16 4.92 5.90
N SER C 19 20.83 4.74 5.81
CA SER C 19 20.28 3.67 5.01
C SER C 19 20.63 3.76 3.53
N PHE C 20 21.05 4.95 3.08
CA PHE C 20 21.35 5.20 1.66
C PHE C 20 22.77 4.83 1.27
N GLN C 21 23.44 4.03 2.09
CA GLN C 21 24.61 3.32 1.62
C GLN C 21 24.08 2.47 0.47
N ASN C 22 24.81 2.46 -0.61
CA ASN C 22 24.49 1.61 -1.74
C ASN C 22 23.33 2.14 -2.58
N TRP C 23 22.87 3.36 -2.31
CA TRP C 23 21.86 4.00 -3.17
C TRP C 23 22.47 4.13 -4.58
N PRO C 24 21.76 3.72 -5.62
CA PRO C 24 22.42 3.65 -6.93
C PRO C 24 22.71 5.02 -7.47
N ASP C 25 23.80 5.09 -8.23
CA ASP C 25 24.29 6.36 -8.80
C ASP C 25 23.37 6.94 -9.83
N TYR C 26 22.62 6.09 -10.51
CA TYR C 26 21.70 6.58 -11.52
C TYR C 26 20.51 7.34 -10.93
N ALA C 27 20.13 7.00 -9.69
CA ALA C 27 18.81 7.39 -9.19
C ALA C 27 18.60 8.88 -9.26
N HIS C 28 17.36 9.26 -9.55
CA HIS C 28 17.05 10.62 -9.94
C HIS C 28 16.72 11.58 -8.76
N LEU C 29 16.88 11.12 -7.50
CA LEU C 29 16.83 11.98 -6.26
C LEU C 29 17.92 11.58 -5.29
N THR C 30 18.30 12.49 -4.40
CA THR C 30 19.39 12.30 -3.43
C THR C 30 18.91 11.71 -2.10
N PRO C 31 19.81 10.99 -1.38
CA PRO C 31 19.54 10.53 -0.03
C PRO C 31 19.02 11.60 0.91
N ARG C 32 19.57 12.81 0.87
CA ARG C 32 19.18 13.85 1.82
C ARG C 32 17.76 14.34 1.56
N GLU C 33 17.41 14.55 0.31
CA GLU C 33 16.05 14.94 -0.03
C GLU C 33 15.02 13.86 0.44
N LEU C 34 15.35 12.61 0.17
CA LEU C 34 14.47 11.50 0.47
C LEU C 34 14.32 11.39 1.98
N ALA C 35 15.45 11.41 2.69
CA ALA C 35 15.41 11.24 4.16
C ALA C 35 14.64 12.35 4.85
N SER C 36 14.76 13.55 4.31
CA SER C 36 14.03 14.70 4.86
C SER C 36 12.49 14.59 4.70
N ALA C 37 12.08 13.89 3.63
CA ALA C 37 10.67 13.59 3.37
C ALA C 37 10.17 12.33 4.08
N GLY C 38 10.98 11.78 4.97
CA GLY C 38 10.56 10.66 5.84
C GLY C 38 10.98 9.31 5.29
N LEU C 39 11.73 9.27 4.19
CA LEU C 39 11.94 8.06 3.42
C LEU C 39 13.31 7.47 3.66
N TYR C 40 13.43 6.16 3.75
CA TYR C 40 14.71 5.50 3.87
C TYR C 40 14.81 4.42 2.81
N TYR C 41 16.01 3.97 2.48
CA TYR C 41 16.25 3.04 1.41
C TYR C 41 15.96 1.64 1.90
N THR C 42 15.30 0.83 1.07
CA THR C 42 14.96 -0.54 1.44
C THR C 42 16.09 -1.49 1.10
N GLY C 43 17.05 -1.01 0.30
CA GLY C 43 18.18 -1.81 -0.11
C GLY C 43 18.09 -2.38 -1.49
N ILE C 44 16.97 -2.24 -2.19
CA ILE C 44 16.82 -2.74 -3.56
C ILE C 44 16.41 -1.63 -4.54
N GLY C 45 17.03 -1.65 -5.73
CA GLY C 45 16.73 -0.69 -6.78
C GLY C 45 16.84 0.72 -6.25
N ASP C 46 15.82 1.52 -6.58
CA ASP C 46 15.69 2.87 -6.03
C ASP C 46 14.45 2.97 -5.11
N GLN C 47 14.10 1.85 -4.47
CA GLN C 47 12.92 1.79 -3.62
C GLN C 47 13.18 2.36 -2.22
N VAL C 48 12.27 3.19 -1.76
CA VAL C 48 12.32 3.75 -0.43
C VAL C 48 10.99 3.54 0.26
N GLN C 49 11.00 3.74 1.57
CA GLN C 49 9.87 3.50 2.42
C GLN C 49 9.75 4.60 3.46
N CYS C 50 8.52 4.96 3.85
CA CYS C 50 8.32 5.99 4.87
C CYS C 50 8.36 5.41 6.28
N PHE C 51 9.07 6.09 7.18
CA PHE C 51 9.20 5.65 8.58
C PHE C 51 7.89 5.74 9.34
N ALA C 52 6.95 6.53 8.87
CA ALA C 52 5.68 6.78 9.56
C ALA C 52 4.54 5.95 9.01
N CYS C 53 4.31 5.97 7.71
CA CYS C 53 3.22 5.22 7.10
C CYS C 53 3.61 3.89 6.50
N GLY C 54 4.92 3.63 6.32
CA GLY C 54 5.38 2.42 5.70
C GLY C 54 5.20 2.36 4.20
N GLY C 55 4.65 3.37 3.58
CA GLY C 55 4.43 3.34 2.14
C GLY C 55 5.73 3.28 1.36
N LYS C 56 5.73 2.53 0.27
CA LYS C 56 6.91 2.33 -0.56
C LYS C 56 6.77 3.05 -1.88
N LEU C 57 7.88 3.63 -2.33
CA LEU C 57 7.96 4.37 -3.59
C LEU C 57 9.20 3.91 -4.34
N LYS C 58 9.11 3.76 -5.65
CA LYS C 58 10.25 3.38 -6.47
C LYS C 58 10.06 3.88 -7.88
N ASN C 59 11.04 3.59 -8.72
CA ASN C 59 11.02 4.02 -10.13
C ASN C 59 10.83 5.53 -10.26
N TRP C 60 11.62 6.27 -9.51
CA TRP C 60 11.64 7.73 -9.51
C TRP C 60 12.08 8.18 -10.90
N GLU C 61 11.44 9.22 -11.39
CA GLU C 61 11.76 9.77 -12.71
C GLU C 61 12.36 11.15 -12.56
N PRO C 62 13.10 11.58 -13.59
CA PRO C 62 13.69 12.94 -13.53
C PRO C 62 12.64 14.02 -13.26
N GLY C 63 12.94 14.96 -12.37
CA GLY C 63 11.98 16.02 -12.02
C GLY C 63 11.04 15.68 -10.86
N ASP C 64 10.99 14.41 -10.44
CA ASP C 64 10.15 14.06 -9.27
C ASP C 64 10.70 14.70 -8.04
N ARG C 65 9.82 15.06 -7.10
CA ARG C 65 10.23 15.57 -5.78
C ARG C 65 9.76 14.55 -4.73
N ALA C 66 10.57 14.30 -3.71
CA ALA C 66 10.24 13.31 -2.67
C ALA C 66 8.93 13.66 -1.96
N TRP C 67 8.79 14.88 -1.47
CA TRP C 67 7.58 15.24 -0.76
C TRP C 67 6.34 15.12 -1.64
N SER C 68 6.42 15.57 -2.88
CA SER C 68 5.29 15.54 -3.75
C SER C 68 4.75 14.14 -3.99
N GLU C 69 5.68 13.23 -4.24
CA GLU C 69 5.26 11.84 -4.47
C GLU C 69 4.70 11.18 -3.20
N HIS C 70 5.37 11.46 -2.09
CA HIS C 70 4.94 10.91 -0.78
C HIS C 70 3.50 11.34 -0.53
N ARG C 71 3.21 12.62 -0.64
CA ARG C 71 1.86 13.12 -0.41
C ARG C 71 0.85 12.65 -1.46
N ARG C 72 1.28 12.57 -2.71
CA ARG C 72 0.35 12.12 -3.74
C ARG C 72 -0.17 10.71 -3.49
N HIS C 73 0.73 9.82 -3.12
CA HIS C 73 0.36 8.41 -2.98
C HIS C 73 -0.08 7.97 -1.60
N PHE C 74 0.35 8.68 -0.57
CA PHE C 74 0.03 8.30 0.79
C PHE C 74 -0.51 9.50 1.54
N PRO C 75 -1.66 10.05 1.09
CA PRO C 75 -2.12 11.30 1.68
C PRO C 75 -2.55 11.18 3.14
N ASN C 76 -2.95 10.00 3.60
CA ASN C 76 -3.34 9.79 5.01
C ASN C 76 -2.17 9.46 5.93
N CYS C 77 -0.94 9.44 5.43
CA CYS C 77 0.25 9.32 6.29
C CYS C 77 0.22 10.47 7.27
N PHE C 78 0.45 10.18 8.54
CA PHE C 78 0.44 11.21 9.57
C PHE C 78 1.52 12.23 9.40
N PHE C 79 2.67 11.80 8.90
CA PHE C 79 3.80 12.69 8.64
C PHE C 79 3.46 13.65 7.48
N VAL C 80 2.89 13.12 6.42
CA VAL C 80 2.37 13.97 5.32
C VAL C 80 1.32 14.97 5.86
N LEU C 81 0.36 14.50 6.64
CA LEU C 81 -0.72 15.36 7.13
C LEU C 81 -0.17 16.50 7.97
N GLY C 82 0.86 16.26 8.76
CA GLY C 82 1.48 17.34 9.55
C GLY C 82 2.28 18.32 8.70
N ARG C 83 3.09 17.82 7.77
CA ARG C 83 3.82 18.66 6.79
C ARG C 83 2.88 19.58 5.99
N ASN C 84 1.66 19.12 5.72
CA ASN C 84 0.67 19.95 5.02
C ASN C 84 0.21 21.12 5.89
ZN ZN D . -4.19 -3.21 -0.08
ZN ZN E . 4.47 8.36 4.97
#